data_2BU8
#
_entry.id   2BU8
#
_cell.length_a   110.699
_cell.length_b   110.699
_cell.length_c   84.609
_cell.angle_alpha   90.00
_cell.angle_beta   90.00
_cell.angle_gamma   120.00
#
_symmetry.space_group_name_H-M   'P 64'
#
loop_
_entity.id
_entity.type
_entity.pdbx_description
1 polymer 'PYRUVATE DEHYDROGENASE KINASE ISOENZYME 2'
2 non-polymer "ADENOSINE-5'-DIPHOSPHATE"
3 non-polymer 'MAGNESIUM ION'
4 non-polymer 'DICHLORO-ACETIC ACID'
5 water water
#
_entity_poly.entity_id   1
_entity_poly.type   'polypeptide(L)'
_entity_poly.pdbx_seq_one_letter_code
;GSAPKYIEHFSKFSPSPLSMKQFLDFGSSNACEKTSFTFLRQELPVRLANIMKEINLLPDRVLSTPSVQLVQSWYVQSLL
DIMEFLDKDPEDHRTLSQFTDALVTIRNRHNDVVPTMAQGVLEYKDTYGDDPVSNQNIQYFLDRFYLSRISIRMLINQHT
LIFDGSTNPAHPKHIGSIDPNCNVSEVVKDAYDMAKLLCDKYYMASPDLEIQEINAANSKQPIHMVYVPSHLYHMLFELF
KNAMRATVESHESSLILPPIKVMVALGEEDLSIKMSDRGGGVPLRKIERLFSYMYSTAPTPQPGTGGTPLAGFGYGLPIS
RLYAKYFQGDLQLFSMEGFGTDAVIYLKALSTDSVERLPVYNKSAWRHYQTIQEAGDWCVPSTEPKNTSTYRVS
;
_entity_poly.pdbx_strand_id   A
#
loop_
_chem_comp.id
_chem_comp.type
_chem_comp.name
_chem_comp.formula
ADP non-polymer ADENOSINE-5'-DIPHOSPHATE 'C10 H15 N5 O10 P2'
MG non-polymer 'MAGNESIUM ION' 'Mg 2'
TF4 non-polymer 'DICHLORO-ACETIC ACID' 'C2 H2 Cl2 O2'
#
# COMPACT_ATOMS: atom_id res chain seq x y z
N GLY A 1 -26.28 -0.81 19.52
CA GLY A 1 -27.10 -1.73 18.71
C GLY A 1 -27.53 -1.11 17.39
N SER A 2 -26.72 -0.21 16.85
CA SER A 2 -27.05 0.45 15.59
C SER A 2 -25.95 0.49 14.51
N ALA A 3 -24.91 -0.33 14.67
CA ALA A 3 -23.83 -0.36 13.68
C ALA A 3 -24.35 -0.76 12.30
N PRO A 4 -25.26 -1.76 12.24
CA PRO A 4 -25.80 -2.17 10.94
C PRO A 4 -26.51 -1.02 10.24
N LYS A 5 -27.06 -0.11 11.05
CA LYS A 5 -27.78 1.06 10.55
C LYS A 5 -26.81 2.07 9.97
N TYR A 6 -25.73 2.32 10.69
CA TYR A 6 -24.69 3.25 10.26
C TYR A 6 -24.08 2.76 8.96
N ILE A 7 -23.68 1.49 8.96
CA ILE A 7 -23.09 0.85 7.79
C ILE A 7 -23.97 1.03 6.55
N GLU A 8 -25.24 0.68 6.66
CA GLU A 8 -26.16 0.80 5.53
C GLU A 8 -26.33 2.26 5.07
N HIS A 9 -26.22 3.21 5.98
CA HIS A 9 -26.37 4.61 5.62
C HIS A 9 -25.18 5.15 4.85
N PHE A 10 -24.02 5.21 5.50
CA PHE A 10 -22.81 5.71 4.86
C PHE A 10 -22.43 4.86 3.65
N SER A 11 -23.02 3.67 3.58
CA SER A 11 -22.80 2.75 2.48
C SER A 11 -23.49 3.29 1.23
N LYS A 12 -24.21 4.38 1.40
CA LYS A 12 -24.92 5.01 0.28
C LYS A 12 -24.00 5.94 -0.49
N PHE A 13 -23.03 6.50 0.23
CA PHE A 13 -22.07 7.43 -0.38
C PHE A 13 -20.91 6.67 -1.04
N SER A 14 -20.19 7.37 -1.92
CA SER A 14 -19.04 6.81 -2.60
C SER A 14 -17.83 7.53 -2.02
N PRO A 15 -16.69 6.83 -1.89
CA PRO A 15 -15.53 7.54 -1.33
C PRO A 15 -15.09 8.66 -2.28
N SER A 16 -14.48 9.70 -1.73
CA SER A 16 -14.01 10.82 -2.54
C SER A 16 -12.51 10.85 -2.67
N PRO A 17 -12.00 10.50 -3.87
CA PRO A 17 -10.58 10.45 -4.21
C PRO A 17 -9.94 11.82 -4.17
N LEU A 18 -8.78 11.92 -3.52
CA LEU A 18 -8.08 13.17 -3.44
C LEU A 18 -6.82 13.09 -4.31
N SER A 19 -6.46 14.21 -4.92
CA SER A 19 -5.27 14.27 -5.77
C SER A 19 -4.10 14.63 -4.86
N MET A 20 -2.89 14.41 -5.36
CA MET A 20 -1.69 14.72 -4.59
C MET A 20 -1.65 16.21 -4.28
N LYS A 21 -2.30 17.01 -5.13
CA LYS A 21 -2.29 18.44 -4.92
C LYS A 21 -3.21 18.82 -3.77
N GLN A 22 -4.42 18.27 -3.78
CA GLN A 22 -5.37 18.52 -2.70
C GLN A 22 -4.70 18.16 -1.37
N PHE A 23 -4.03 16.99 -1.34
CA PHE A 23 -3.33 16.53 -0.15
C PHE A 23 -2.32 17.58 0.29
N LEU A 24 -1.61 18.14 -0.67
CA LEU A 24 -0.60 19.15 -0.36
C LEU A 24 -1.22 20.43 0.16
N ASP A 25 -2.34 20.86 -0.41
CA ASP A 25 -2.97 22.07 0.07
C ASP A 25 -3.74 21.84 1.36
N PHE A 26 -4.08 20.58 1.63
CA PHE A 26 -4.81 20.24 2.85
C PHE A 26 -3.96 20.47 4.08
N GLY A 27 -2.65 20.22 3.95
CA GLY A 27 -1.75 20.42 5.07
C GLY A 27 -1.05 21.76 4.98
N SER A 28 -0.99 22.29 3.76
CA SER A 28 -0.33 23.56 3.50
C SER A 28 -1.10 24.78 4.04
N SER A 29 -1.85 25.43 3.16
CA SER A 29 -2.61 26.63 3.46
C SER A 29 -3.98 26.44 4.13
N ASN A 30 -4.91 25.78 3.45
CA ASN A 30 -6.24 25.54 3.99
C ASN A 30 -6.08 24.96 5.39
N ALA A 31 -5.04 24.15 5.54
CA ALA A 31 -4.71 23.46 6.77
C ALA A 31 -5.12 24.14 8.07
N CYS A 32 -6.17 23.58 8.65
CA CYS A 32 -6.76 23.99 9.91
C CYS A 32 -7.53 22.72 10.23
N GLU A 33 -7.02 21.94 11.17
CA GLU A 33 -7.66 20.68 11.53
C GLU A 33 -9.17 20.74 11.45
N LYS A 34 -9.73 21.94 11.55
CA LYS A 34 -11.17 22.10 11.47
C LYS A 34 -11.63 21.66 10.08
N THR A 35 -10.90 22.10 9.06
CA THR A 35 -11.18 21.76 7.68
C THR A 35 -11.00 20.25 7.46
N SER A 36 -9.92 19.72 8.04
CA SER A 36 -9.62 18.30 7.93
C SER A 36 -10.63 17.51 8.78
N PHE A 37 -10.84 17.98 10.01
CA PHE A 37 -11.77 17.35 10.94
C PHE A 37 -13.16 17.18 10.31
N THR A 38 -13.67 18.26 9.73
CA THR A 38 -14.99 18.23 9.10
C THR A 38 -15.00 17.30 7.89
N PHE A 39 -13.86 17.18 7.24
CA PHE A 39 -13.76 16.32 6.07
C PHE A 39 -13.73 14.84 6.50
N LEU A 40 -12.78 14.50 7.37
CA LEU A 40 -12.60 13.13 7.83
C LEU A 40 -13.77 12.51 8.59
N ARG A 41 -14.56 13.35 9.27
CA ARG A 41 -15.74 12.90 10.03
C ARG A 41 -16.74 12.21 9.13
N GLN A 42 -16.83 12.67 7.90
CA GLN A 42 -17.76 12.07 6.96
C GLN A 42 -17.04 11.10 6.01
N GLU A 43 -15.84 11.45 5.59
CA GLU A 43 -15.08 10.60 4.67
C GLU A 43 -14.71 9.23 5.24
N LEU A 44 -14.09 9.21 6.42
CA LEU A 44 -13.69 7.95 7.05
C LEU A 44 -14.88 7.01 7.21
N PRO A 45 -16.01 7.51 7.72
CA PRO A 45 -17.18 6.63 7.88
C PRO A 45 -17.70 6.09 6.54
N VAL A 46 -17.48 6.84 5.47
CA VAL A 46 -17.90 6.40 4.15
C VAL A 46 -16.97 5.30 3.65
N ARG A 47 -15.67 5.45 3.92
CA ARG A 47 -14.69 4.45 3.48
C ARG A 47 -14.76 3.18 4.29
N LEU A 48 -14.96 3.33 5.60
CA LEU A 48 -15.09 2.17 6.50
C LEU A 48 -16.34 1.37 6.15
N ALA A 49 -17.44 2.10 5.99
CA ALA A 49 -18.72 1.48 5.67
C ALA A 49 -18.67 0.72 4.35
N ASN A 50 -18.04 1.31 3.34
CA ASN A 50 -17.94 0.66 2.04
C ASN A 50 -17.17 -0.65 2.07
N ILE A 51 -16.06 -0.70 2.80
CA ILE A 51 -15.32 -1.95 2.85
C ILE A 51 -16.06 -2.96 3.73
N MET A 52 -16.73 -2.47 4.78
CA MET A 52 -17.48 -3.35 5.69
C MET A 52 -18.72 -3.93 4.99
N LYS A 53 -19.31 -3.14 4.09
CA LYS A 53 -20.48 -3.58 3.36
C LYS A 53 -20.07 -4.75 2.46
N GLU A 54 -18.86 -4.67 1.92
CA GLU A 54 -18.33 -5.70 1.04
C GLU A 54 -18.05 -7.00 1.79
N ILE A 55 -17.45 -6.86 2.96
CA ILE A 55 -17.13 -8.01 3.79
C ILE A 55 -18.39 -8.81 4.10
N ASN A 56 -19.41 -8.12 4.60
CA ASN A 56 -20.69 -8.75 4.96
C ASN A 56 -21.38 -9.55 3.86
N LEU A 57 -20.98 -9.35 2.62
CA LEU A 57 -21.60 -10.08 1.53
C LEU A 57 -20.74 -11.27 1.08
N LEU A 58 -19.76 -11.60 1.92
CA LEU A 58 -18.86 -12.73 1.67
C LEU A 58 -19.59 -14.02 2.04
N PRO A 59 -19.25 -15.14 1.37
CA PRO A 59 -19.91 -16.41 1.69
C PRO A 59 -19.83 -16.60 3.21
N ASP A 60 -20.87 -17.18 3.81
CA ASP A 60 -20.85 -17.36 5.26
C ASP A 60 -19.71 -18.28 5.71
N ARG A 61 -19.26 -19.16 4.82
CA ARG A 61 -18.17 -20.06 5.17
C ARG A 61 -16.86 -19.28 5.39
N VAL A 62 -16.78 -18.09 4.83
CA VAL A 62 -15.60 -17.24 4.99
C VAL A 62 -15.94 -16.29 6.11
N LEU A 63 -17.16 -15.76 6.03
CA LEU A 63 -17.70 -14.82 7.00
C LEU A 63 -17.51 -15.29 8.43
N SER A 64 -18.00 -16.50 8.70
CA SER A 64 -17.95 -17.11 10.03
C SER A 64 -16.59 -17.44 10.64
N THR A 65 -15.51 -17.42 9.84
CA THR A 65 -14.19 -17.74 10.37
C THR A 65 -13.79 -16.77 11.47
N PRO A 66 -13.05 -17.26 12.48
CA PRO A 66 -12.62 -16.40 13.57
C PRO A 66 -11.85 -15.18 13.06
N SER A 67 -11.05 -15.40 12.01
CA SER A 67 -10.24 -14.35 11.38
C SER A 67 -11.10 -13.18 10.95
N VAL A 68 -11.90 -13.44 9.93
CA VAL A 68 -12.78 -12.44 9.35
C VAL A 68 -13.69 -11.82 10.40
N GLN A 69 -14.22 -12.65 11.28
CA GLN A 69 -15.12 -12.16 12.32
C GLN A 69 -14.41 -11.18 13.26
N LEU A 70 -13.19 -11.52 13.66
CA LEU A 70 -12.41 -10.67 14.55
C LEU A 70 -12.10 -9.33 13.91
N VAL A 71 -11.58 -9.37 12.69
CA VAL A 71 -11.23 -8.16 11.95
C VAL A 71 -12.48 -7.32 11.71
N GLN A 72 -13.57 -8.00 11.38
CA GLN A 72 -14.85 -7.33 11.14
C GLN A 72 -15.32 -6.57 12.38
N SER A 73 -14.89 -7.00 13.56
CA SER A 73 -15.28 -6.34 14.81
C SER A 73 -14.48 -5.08 15.03
N TRP A 74 -13.22 -5.07 14.57
CA TRP A 74 -12.39 -3.89 14.71
C TRP A 74 -12.98 -2.74 13.87
N TYR A 75 -13.35 -3.05 12.63
CA TYR A 75 -13.92 -2.03 11.75
C TYR A 75 -15.25 -1.49 12.28
N VAL A 76 -16.03 -2.35 12.94
CA VAL A 76 -17.31 -1.93 13.50
C VAL A 76 -17.06 -0.96 14.65
N GLN A 77 -16.05 -1.28 15.45
CA GLN A 77 -15.71 -0.44 16.59
C GLN A 77 -15.08 0.88 16.15
N SER A 78 -14.31 0.85 15.07
CA SER A 78 -13.66 2.05 14.57
C SER A 78 -14.70 3.02 14.02
N LEU A 79 -15.71 2.47 13.36
CA LEU A 79 -16.79 3.28 12.81
C LEU A 79 -17.44 4.04 13.98
N LEU A 80 -17.94 3.29 14.96
CA LEU A 80 -18.59 3.88 16.13
C LEU A 80 -17.63 4.84 16.82
N ASP A 81 -16.35 4.53 16.74
CA ASP A 81 -15.31 5.36 17.34
C ASP A 81 -15.29 6.78 16.77
N ILE A 82 -15.36 6.89 15.44
CA ILE A 82 -15.33 8.19 14.78
C ILE A 82 -16.69 8.90 14.81
N MET A 83 -17.76 8.12 14.87
CA MET A 83 -19.12 8.65 14.90
C MET A 83 -19.30 9.73 15.99
N GLU A 84 -18.75 9.45 17.16
CA GLU A 84 -18.82 10.33 18.32
C GLU A 84 -18.67 11.82 18.01
N PHE A 85 -18.00 12.13 16.92
CA PHE A 85 -17.74 13.51 16.54
C PHE A 85 -18.67 14.10 15.48
N LEU A 86 -19.64 13.31 15.01
CA LEU A 86 -20.58 13.78 13.99
C LEU A 86 -21.39 15.00 14.40
N ASP A 87 -21.71 15.12 15.67
CA ASP A 87 -22.51 16.24 16.16
C ASP A 87 -21.73 17.31 16.89
N LYS A 88 -20.45 17.05 17.16
CA LYS A 88 -19.63 18.03 17.88
C LYS A 88 -19.36 19.29 17.07
N ASP A 89 -18.78 20.29 17.74
CA ASP A 89 -18.43 21.57 17.13
C ASP A 89 -16.91 21.72 17.15
N PRO A 90 -16.30 21.95 15.98
CA PRO A 90 -14.85 22.10 15.82
C PRO A 90 -14.14 23.36 16.32
N GLU A 91 -14.86 24.35 16.85
CA GLU A 91 -14.17 25.52 17.35
C GLU A 91 -13.51 25.21 18.68
N ASP A 92 -13.89 24.07 19.27
CA ASP A 92 -13.34 23.62 20.54
C ASP A 92 -11.99 22.95 20.28
N HIS A 93 -10.90 23.66 20.62
CA HIS A 93 -9.54 23.15 20.44
C HIS A 93 -9.33 21.81 21.13
N ARG A 94 -10.38 21.31 21.81
CA ARG A 94 -10.32 20.05 22.53
C ARG A 94 -11.15 18.99 21.80
N THR A 95 -12.12 19.45 21.01
CA THR A 95 -12.98 18.55 20.25
C THR A 95 -12.18 17.88 19.12
N LEU A 96 -11.22 18.62 18.58
CA LEU A 96 -10.40 18.09 17.51
C LEU A 96 -9.12 17.41 17.97
N SER A 97 -8.70 17.67 19.21
CA SER A 97 -7.50 17.03 19.72
C SER A 97 -7.87 15.64 20.22
N GLN A 98 -9.17 15.41 20.33
CA GLN A 98 -9.70 14.12 20.76
C GLN A 98 -9.95 13.31 19.50
N PHE A 99 -10.06 14.01 18.38
CA PHE A 99 -10.26 13.35 17.09
C PHE A 99 -8.91 12.77 16.72
N THR A 100 -7.86 13.56 16.94
CA THR A 100 -6.50 13.13 16.64
C THR A 100 -6.15 11.88 17.46
N ASP A 101 -6.48 11.91 18.74
CA ASP A 101 -6.20 10.78 19.62
C ASP A 101 -7.07 9.60 19.23
N ALA A 102 -8.25 9.90 18.68
CA ALA A 102 -9.17 8.87 18.26
C ALA A 102 -8.65 8.17 17.01
N LEU A 103 -7.94 8.91 16.17
CA LEU A 103 -7.39 8.34 14.95
C LEU A 103 -6.23 7.42 15.26
N VAL A 104 -5.29 7.91 16.07
CA VAL A 104 -4.12 7.13 16.46
C VAL A 104 -4.53 5.80 17.09
N THR A 105 -5.63 5.81 17.82
CA THR A 105 -6.11 4.60 18.48
C THR A 105 -6.74 3.63 17.48
N ILE A 106 -7.34 4.16 16.42
CA ILE A 106 -7.96 3.33 15.41
C ILE A 106 -6.90 2.70 14.51
N ARG A 107 -5.84 3.47 14.24
CA ARG A 107 -4.76 3.02 13.39
C ARG A 107 -4.04 1.81 13.97
N ASN A 108 -3.70 1.88 15.25
CA ASN A 108 -3.00 0.80 15.92
C ASN A 108 -3.90 -0.41 16.16
N ARG A 109 -5.21 -0.18 16.19
CA ARG A 109 -6.17 -1.26 16.40
C ARG A 109 -6.20 -2.21 15.21
N HIS A 110 -5.84 -1.69 14.04
CA HIS A 110 -5.82 -2.47 12.81
C HIS A 110 -4.41 -2.85 12.38
N ASN A 111 -3.43 -2.60 13.24
CA ASN A 111 -2.06 -2.88 12.89
C ASN A 111 -1.69 -4.30 12.47
N ASP A 112 -2.47 -5.31 12.87
CA ASP A 112 -2.16 -6.70 12.53
C ASP A 112 -3.15 -7.36 11.59
N VAL A 113 -3.83 -6.57 10.77
CA VAL A 113 -4.82 -7.08 9.82
C VAL A 113 -4.30 -8.07 8.79
N VAL A 114 -3.16 -7.76 8.17
CA VAL A 114 -2.61 -8.64 7.15
C VAL A 114 -2.39 -10.06 7.69
N PRO A 115 -1.59 -10.19 8.76
CA PRO A 115 -1.32 -11.52 9.35
C PRO A 115 -2.63 -12.25 9.70
N THR A 116 -3.55 -11.51 10.31
CA THR A 116 -4.84 -12.04 10.72
C THR A 116 -5.66 -12.54 9.55
N MET A 117 -5.73 -11.75 8.49
CA MET A 117 -6.47 -12.14 7.31
C MET A 117 -5.79 -13.33 6.64
N ALA A 118 -4.46 -13.32 6.68
CA ALA A 118 -3.66 -14.39 6.09
C ALA A 118 -4.02 -15.73 6.72
N GLN A 119 -4.29 -15.70 8.02
CA GLN A 119 -4.66 -16.89 8.77
C GLN A 119 -5.97 -17.47 8.23
N GLY A 120 -6.87 -16.58 7.80
CA GLY A 120 -8.14 -17.02 7.25
C GLY A 120 -7.93 -17.66 5.89
N VAL A 121 -6.93 -17.18 5.17
CA VAL A 121 -6.64 -17.75 3.85
C VAL A 121 -6.14 -19.18 4.02
N LEU A 122 -5.27 -19.38 5.01
CA LEU A 122 -4.72 -20.70 5.27
C LEU A 122 -5.81 -21.68 5.69
N GLU A 123 -6.74 -21.23 6.54
CA GLU A 123 -7.82 -22.11 6.96
C GLU A 123 -8.62 -22.57 5.75
N TYR A 124 -9.01 -21.61 4.90
CA TYR A 124 -9.80 -21.92 3.72
C TYR A 124 -9.09 -22.96 2.86
N LYS A 125 -7.79 -22.80 2.68
CA LYS A 125 -6.99 -23.72 1.88
C LYS A 125 -7.12 -25.17 2.35
N ASP A 126 -7.06 -25.37 3.67
CA ASP A 126 -7.16 -26.70 4.24
C ASP A 126 -8.61 -27.15 4.46
N THR A 127 -9.50 -26.18 4.62
CA THR A 127 -10.91 -26.47 4.85
C THR A 127 -11.71 -26.76 3.59
N TYR A 128 -11.37 -26.09 2.48
CA TYR A 128 -12.09 -26.29 1.22
C TYR A 128 -11.23 -26.53 -0.01
N GLY A 129 -9.92 -26.30 0.10
CA GLY A 129 -9.05 -26.51 -1.04
C GLY A 129 -8.62 -25.24 -1.77
N ASP A 130 -7.70 -25.40 -2.72
CA ASP A 130 -7.20 -24.26 -3.49
C ASP A 130 -7.44 -24.39 -4.99
N ASP A 131 -8.68 -24.09 -5.39
CA ASP A 131 -9.08 -24.16 -6.79
C ASP A 131 -9.10 -22.76 -7.42
N PRO A 132 -8.81 -22.68 -8.73
CA PRO A 132 -8.79 -21.42 -9.48
C PRO A 132 -9.91 -20.46 -9.14
N VAL A 133 -11.11 -20.99 -8.92
CA VAL A 133 -12.24 -20.14 -8.61
C VAL A 133 -12.15 -19.49 -7.23
N SER A 134 -11.89 -20.30 -6.20
CA SER A 134 -11.78 -19.75 -4.85
C SER A 134 -10.59 -18.80 -4.77
N ASN A 135 -9.58 -19.05 -5.60
CA ASN A 135 -8.40 -18.20 -5.63
C ASN A 135 -8.72 -16.84 -6.25
N GLN A 136 -9.47 -16.86 -7.34
CA GLN A 136 -9.87 -15.65 -8.03
C GLN A 136 -10.73 -14.78 -7.12
N ASN A 137 -11.63 -15.42 -6.38
CA ASN A 137 -12.51 -14.69 -5.47
C ASN A 137 -11.74 -14.05 -4.34
N ILE A 138 -10.86 -14.83 -3.71
CA ILE A 138 -10.05 -14.34 -2.60
C ILE A 138 -9.17 -13.19 -3.07
N GLN A 139 -8.55 -13.37 -4.23
CA GLN A 139 -7.66 -12.37 -4.83
C GLN A 139 -8.42 -11.07 -5.07
N TYR A 140 -9.61 -11.20 -5.65
CA TYR A 140 -10.48 -10.07 -5.93
C TYR A 140 -10.81 -9.32 -4.66
N PHE A 141 -11.24 -10.06 -3.65
CA PHE A 141 -11.62 -9.48 -2.37
C PHE A 141 -10.46 -8.83 -1.63
N LEU A 142 -9.35 -9.55 -1.50
CA LEU A 142 -8.21 -9.02 -0.76
C LEU A 142 -7.60 -7.78 -1.43
N ASP A 143 -7.48 -7.80 -2.75
CA ASP A 143 -6.92 -6.63 -3.44
C ASP A 143 -7.73 -5.37 -3.11
N ARG A 144 -9.05 -5.48 -3.14
CA ARG A 144 -9.91 -4.34 -2.83
C ARG A 144 -9.85 -3.98 -1.34
N PHE A 145 -9.95 -5.00 -0.48
CA PHE A 145 -9.91 -4.81 0.95
C PHE A 145 -8.67 -4.05 1.36
N TYR A 146 -7.52 -4.56 0.91
CA TYR A 146 -6.24 -3.95 1.25
C TYR A 146 -6.02 -2.57 0.65
N LEU A 147 -6.47 -2.33 -0.58
CA LEU A 147 -6.29 -1.01 -1.20
C LEU A 147 -7.06 0.00 -0.35
N SER A 148 -8.30 -0.36 -0.03
CA SER A 148 -9.14 0.47 0.82
C SER A 148 -8.38 0.81 2.11
N ARG A 149 -7.82 -0.22 2.76
CA ARG A 149 -7.06 0.01 3.99
C ARG A 149 -5.90 0.99 3.81
N ILE A 150 -5.18 0.86 2.68
CA ILE A 150 -4.06 1.76 2.38
C ILE A 150 -4.55 3.20 2.28
N SER A 151 -5.67 3.41 1.60
CA SER A 151 -6.24 4.76 1.44
C SER A 151 -6.69 5.39 2.78
N ILE A 152 -7.25 4.56 3.67
CA ILE A 152 -7.72 5.04 4.96
C ILE A 152 -6.53 5.40 5.83
N ARG A 153 -5.51 4.57 5.81
CA ARG A 153 -4.33 4.85 6.62
C ARG A 153 -3.61 6.09 6.12
N MET A 154 -3.73 6.37 4.83
CA MET A 154 -3.13 7.56 4.24
C MET A 154 -3.82 8.81 4.83
N LEU A 155 -5.15 8.80 4.85
CA LEU A 155 -5.88 9.93 5.39
C LEU A 155 -5.50 10.17 6.85
N ILE A 156 -5.51 9.08 7.63
CA ILE A 156 -5.18 9.19 9.04
C ILE A 156 -3.74 9.63 9.32
N ASN A 157 -2.78 9.15 8.54
CA ASN A 157 -1.41 9.55 8.76
C ASN A 157 -1.19 11.02 8.40
N GLN A 158 -1.82 11.46 7.32
CA GLN A 158 -1.71 12.86 6.91
C GLN A 158 -2.24 13.78 8.01
N HIS A 159 -3.36 13.40 8.63
CA HIS A 159 -3.93 14.21 9.68
C HIS A 159 -3.09 14.21 10.96
N THR A 160 -2.78 13.03 11.47
CA THR A 160 -1.99 12.91 12.69
C THR A 160 -0.61 13.54 12.57
N LEU A 161 0.09 13.27 11.47
CA LEU A 161 1.43 13.82 11.28
C LEU A 161 1.42 15.34 11.14
N ILE A 162 0.49 15.85 10.34
CA ILE A 162 0.37 17.29 10.10
C ILE A 162 -0.07 18.11 11.31
N PHE A 163 -0.90 17.53 12.17
CA PHE A 163 -1.38 18.26 13.34
C PHE A 163 -0.82 17.70 14.65
N ASP A 164 0.49 17.49 14.66
CA ASP A 164 1.21 16.96 15.81
C ASP A 164 0.97 17.80 17.06
N GLY A 165 0.89 19.11 16.87
CA GLY A 165 0.67 20.01 17.99
C GLY A 165 1.51 21.27 17.86
N SER A 166 0.89 22.32 17.32
CA SER A 166 1.56 23.61 17.12
C SER A 166 2.42 23.61 15.86
N THR A 167 2.60 24.79 15.26
CA THR A 167 3.40 24.93 14.05
C THR A 167 4.76 25.55 14.28
N ASN A 168 5.59 24.89 15.08
CA ASN A 168 6.93 25.41 15.34
C ASN A 168 7.64 25.46 13.99
N PRO A 169 7.94 24.28 13.45
CA PRO A 169 8.63 24.15 12.17
C PRO A 169 8.14 25.17 11.14
N ALA A 170 6.83 25.35 11.05
CA ALA A 170 6.21 26.29 10.11
C ALA A 170 7.03 26.44 8.83
N HIS A 171 6.59 25.73 7.79
CA HIS A 171 7.26 25.69 6.48
C HIS A 171 8.14 24.46 6.53
N PRO A 172 7.70 23.38 5.88
CA PRO A 172 8.53 22.18 5.93
C PRO A 172 8.90 21.62 4.56
N LYS A 173 9.83 20.68 4.56
CA LYS A 173 10.23 20.02 3.33
C LYS A 173 9.09 19.07 3.03
N HIS A 174 8.62 18.40 4.07
CA HIS A 174 7.55 17.42 3.96
C HIS A 174 6.20 17.91 4.44
N ILE A 175 5.15 17.38 3.85
CA ILE A 175 3.80 17.70 4.25
C ILE A 175 3.18 16.38 4.70
N GLY A 176 3.52 16.01 5.93
CA GLY A 176 3.05 14.75 6.48
C GLY A 176 3.92 13.64 5.94
N SER A 177 3.30 12.70 5.24
CA SER A 177 4.03 11.58 4.66
C SER A 177 4.47 11.89 3.21
N ILE A 178 4.03 13.02 2.68
CA ILE A 178 4.36 13.42 1.31
C ILE A 178 5.59 14.29 1.20
N ASP A 179 6.42 14.02 0.19
CA ASP A 179 7.64 14.81 -0.05
C ASP A 179 7.47 15.44 -1.42
N PRO A 180 7.26 16.75 -1.47
CA PRO A 180 7.09 17.48 -2.73
C PRO A 180 8.35 17.50 -3.58
N ASN A 181 9.46 17.06 -3.01
CA ASN A 181 10.74 17.01 -3.71
C ASN A 181 11.50 15.72 -3.47
N CYS A 182 10.80 14.60 -3.62
CA CYS A 182 11.40 13.29 -3.40
C CYS A 182 12.45 12.88 -4.45
N ASN A 183 13.67 12.57 -3.98
CA ASN A 183 14.76 12.14 -4.86
C ASN A 183 14.69 10.60 -4.95
N VAL A 184 14.10 10.12 -6.02
CA VAL A 184 13.93 8.70 -6.24
C VAL A 184 15.17 7.85 -6.00
N SER A 185 16.28 8.24 -6.62
CA SER A 185 17.52 7.49 -6.45
C SER A 185 17.93 7.30 -4.98
N GLU A 186 17.71 8.32 -4.17
CA GLU A 186 18.05 8.25 -2.75
C GLU A 186 17.25 7.17 -2.04
N VAL A 187 15.96 7.10 -2.35
CA VAL A 187 15.12 6.08 -1.75
C VAL A 187 15.56 4.70 -2.22
N VAL A 188 15.98 4.60 -3.49
CA VAL A 188 16.44 3.33 -4.05
C VAL A 188 17.62 2.87 -3.20
N LYS A 189 18.57 3.78 -3.05
CA LYS A 189 19.80 3.57 -2.29
C LYS A 189 19.50 3.10 -0.85
N ASP A 190 18.53 3.75 -0.19
CA ASP A 190 18.17 3.38 1.17
C ASP A 190 17.63 1.97 1.28
N ALA A 191 16.62 1.65 0.45
CA ALA A 191 16.01 0.32 0.45
C ALA A 191 17.08 -0.72 0.14
N TYR A 192 17.97 -0.38 -0.79
CA TYR A 192 19.02 -1.32 -1.13
C TYR A 192 19.88 -1.63 0.11
N ASP A 193 20.38 -0.59 0.76
CA ASP A 193 21.22 -0.74 1.96
C ASP A 193 20.57 -1.59 3.06
N MET A 194 19.28 -1.39 3.26
CA MET A 194 18.58 -2.15 4.29
C MET A 194 18.48 -3.61 3.91
N ALA A 195 18.23 -3.88 2.63
CA ALA A 195 18.11 -5.24 2.14
C ALA A 195 19.48 -5.92 2.22
N LYS A 196 20.52 -5.20 1.81
CA LYS A 196 21.89 -5.71 1.84
C LYS A 196 22.30 -6.18 3.22
N LEU A 197 21.93 -5.37 4.20
CA LEU A 197 22.23 -5.68 5.58
C LEU A 197 21.64 -7.06 5.89
N LEU A 198 20.33 -7.21 5.70
CA LEU A 198 19.69 -8.49 5.93
C LEU A 198 20.35 -9.60 5.12
N CYS A 199 20.60 -9.34 3.84
CA CYS A 199 21.21 -10.35 2.99
C CYS A 199 22.56 -10.83 3.53
N ASP A 200 23.40 -9.89 3.97
CA ASP A 200 24.72 -10.24 4.50
C ASP A 200 24.66 -11.07 5.76
N LYS A 201 23.73 -10.73 6.64
CA LYS A 201 23.59 -11.44 7.90
C LYS A 201 23.14 -12.89 7.69
N TYR A 202 22.24 -13.11 6.74
CA TYR A 202 21.72 -14.45 6.47
C TYR A 202 22.53 -15.29 5.47
N TYR A 203 23.09 -14.65 4.45
CA TYR A 203 23.87 -15.37 3.45
C TYR A 203 25.35 -15.01 3.46
N MET A 204 25.71 -13.99 4.22
CA MET A 204 27.10 -13.55 4.31
C MET A 204 27.73 -13.41 2.93
N ALA A 205 26.98 -12.72 2.07
CA ALA A 205 27.36 -12.43 0.69
C ALA A 205 26.19 -11.63 0.14
N SER A 206 26.47 -10.63 -0.67
CA SER A 206 25.41 -9.83 -1.23
C SER A 206 25.89 -9.11 -2.48
N PRO A 207 25.02 -9.05 -3.50
CA PRO A 207 25.31 -8.40 -4.78
C PRO A 207 25.38 -6.90 -4.58
N ASP A 208 26.08 -6.19 -5.46
CA ASP A 208 26.19 -4.74 -5.35
C ASP A 208 25.08 -4.03 -6.13
N LEU A 209 25.11 -2.71 -6.08
CA LEU A 209 24.12 -1.91 -6.76
C LEU A 209 24.73 -0.95 -7.78
N GLU A 210 23.99 -0.75 -8.88
CA GLU A 210 24.37 0.17 -9.94
C GLU A 210 23.10 0.96 -10.22
N ILE A 211 23.20 2.28 -10.32
CA ILE A 211 22.02 3.07 -10.60
C ILE A 211 22.23 3.93 -11.81
N GLN A 212 21.24 3.99 -12.68
CA GLN A 212 21.33 4.81 -13.86
C GLN A 212 20.06 5.62 -14.05
N GLU A 213 20.22 6.93 -14.23
CA GLU A 213 19.08 7.80 -14.45
C GLU A 213 18.99 8.22 -15.91
N ILE A 214 17.76 8.43 -16.38
CA ILE A 214 17.50 8.85 -17.75
C ILE A 214 16.46 9.97 -17.73
N ASN A 215 16.92 11.21 -17.62
CA ASN A 215 15.98 12.34 -17.59
C ASN A 215 15.79 12.80 -19.04
N ALA A 216 14.75 12.28 -19.68
CA ALA A 216 14.43 12.60 -21.07
C ALA A 216 14.48 14.09 -21.46
N ALA A 217 13.68 14.91 -20.79
CA ALA A 217 13.62 16.34 -21.10
C ALA A 217 14.83 17.13 -20.63
N ASN A 218 15.44 16.74 -19.52
CA ASN A 218 16.59 17.46 -18.98
C ASN A 218 17.75 16.52 -18.69
N SER A 219 18.40 16.06 -19.76
CA SER A 219 19.52 15.13 -19.72
C SER A 219 20.27 14.84 -18.41
N LYS A 220 20.64 15.85 -17.64
CA LYS A 220 21.41 15.56 -16.43
C LYS A 220 20.84 16.05 -15.09
N GLN A 221 19.60 16.50 -15.06
CA GLN A 221 19.00 16.95 -13.81
C GLN A 221 18.57 15.73 -12.98
N PRO A 222 18.79 15.78 -11.66
CA PRO A 222 18.38 14.64 -10.83
C PRO A 222 16.86 14.53 -10.86
N ILE A 223 16.37 13.30 -10.82
CA ILE A 223 14.94 13.05 -10.87
C ILE A 223 14.26 13.18 -9.51
N HIS A 224 13.33 14.13 -9.45
CA HIS A 224 12.54 14.43 -8.26
C HIS A 224 11.07 14.28 -8.63
N MET A 225 10.23 14.11 -7.62
CA MET A 225 8.80 13.98 -7.86
C MET A 225 8.06 14.25 -6.55
N VAL A 226 6.75 14.34 -6.64
CA VAL A 226 5.91 14.54 -5.48
C VAL A 226 5.39 13.13 -5.19
N TYR A 227 5.70 12.59 -4.01
CA TYR A 227 5.22 11.25 -3.69
C TYR A 227 5.27 10.97 -2.19
N VAL A 228 4.79 9.80 -1.79
CA VAL A 228 4.83 9.39 -0.39
C VAL A 228 6.06 8.47 -0.31
N PRO A 229 7.20 9.02 0.10
CA PRO A 229 8.44 8.23 0.18
C PRO A 229 8.41 6.90 0.93
N SER A 230 7.67 6.81 2.04
CA SER A 230 7.61 5.54 2.76
C SER A 230 6.97 4.44 1.89
N HIS A 231 6.01 4.81 1.01
CA HIS A 231 5.36 3.85 0.11
C HIS A 231 6.37 3.31 -0.93
N LEU A 232 7.18 4.23 -1.50
CA LEU A 232 8.16 3.87 -2.52
C LEU A 232 9.25 2.98 -1.92
N TYR A 233 9.61 3.28 -0.68
CA TYR A 233 10.62 2.52 0.06
C TYR A 233 10.17 1.06 0.22
N HIS A 234 8.93 0.89 0.64
CA HIS A 234 8.34 -0.42 0.84
C HIS A 234 8.44 -1.29 -0.42
N MET A 235 8.01 -0.75 -1.56
CA MET A 235 8.05 -1.51 -2.82
C MET A 235 9.48 -1.87 -3.21
N LEU A 236 10.36 -0.87 -3.22
CA LEU A 236 11.77 -1.11 -3.56
C LEU A 236 12.42 -2.16 -2.64
N PHE A 237 12.15 -2.07 -1.35
CA PHE A 237 12.68 -2.99 -0.36
C PHE A 237 12.21 -4.43 -0.62
N GLU A 238 10.92 -4.62 -0.87
CA GLU A 238 10.43 -5.96 -1.15
C GLU A 238 11.07 -6.53 -2.43
N LEU A 239 11.25 -5.66 -3.43
CA LEU A 239 11.84 -6.09 -4.67
C LEU A 239 13.33 -6.42 -4.49
N PHE A 240 14.05 -5.58 -3.75
CA PHE A 240 15.47 -5.83 -3.52
C PHE A 240 15.67 -7.15 -2.77
N LYS A 241 14.81 -7.47 -1.82
CA LYS A 241 14.91 -8.73 -1.07
C LYS A 241 14.76 -9.97 -1.96
N ASN A 242 13.85 -9.90 -2.93
CA ASN A 242 13.63 -11.02 -3.86
C ASN A 242 14.82 -11.16 -4.79
N ALA A 243 15.24 -10.05 -5.38
CA ALA A 243 16.36 -10.04 -6.29
C ALA A 243 17.62 -10.59 -5.60
N MET A 244 17.87 -10.18 -4.35
CA MET A 244 19.04 -10.64 -3.62
C MET A 244 19.00 -12.13 -3.34
N ARG A 245 17.89 -12.60 -2.80
CA ARG A 245 17.75 -14.01 -2.50
C ARG A 245 18.04 -14.84 -3.77
N ALA A 246 17.30 -14.54 -4.83
CA ALA A 246 17.47 -15.26 -6.09
C ALA A 246 18.90 -15.25 -6.60
N THR A 247 19.50 -14.07 -6.68
CA THR A 247 20.87 -13.97 -7.17
C THR A 247 21.86 -14.79 -6.36
N VAL A 248 21.75 -14.73 -5.03
CA VAL A 248 22.66 -15.46 -4.17
C VAL A 248 22.43 -16.97 -4.28
N GLU A 249 21.19 -17.41 -4.13
CA GLU A 249 20.92 -18.83 -4.21
C GLU A 249 21.20 -19.47 -5.56
N SER A 250 21.15 -18.68 -6.63
CA SER A 250 21.39 -19.24 -7.96
C SER A 250 22.87 -19.26 -8.39
N HIS A 251 23.74 -18.77 -7.54
CA HIS A 251 25.19 -18.71 -7.80
C HIS A 251 25.98 -19.22 -6.62
N GLU A 252 25.49 -20.30 -6.03
CA GLU A 252 26.21 -20.90 -4.91
C GLU A 252 27.49 -21.67 -5.19
N SER A 253 27.55 -22.29 -6.39
CA SER A 253 28.70 -23.09 -6.82
C SER A 253 29.36 -22.32 -7.88
N SER A 254 29.30 -21.03 -7.71
CA SER A 254 29.88 -20.06 -8.62
C SER A 254 30.49 -19.13 -7.63
N LEU A 255 31.49 -18.37 -8.05
CA LEU A 255 32.11 -17.46 -7.12
C LEU A 255 31.57 -16.13 -7.51
N ILE A 256 31.40 -15.96 -8.83
CA ILE A 256 30.84 -14.70 -9.28
C ILE A 256 29.46 -14.47 -8.71
N LEU A 257 29.08 -13.20 -8.51
CA LEU A 257 27.77 -12.88 -7.93
C LEU A 257 27.48 -11.56 -8.63
N PRO A 258 26.72 -11.59 -9.75
CA PRO A 258 26.42 -10.34 -10.47
C PRO A 258 25.60 -9.35 -9.64
N PRO A 259 25.70 -8.05 -9.94
CA PRO A 259 25.00 -6.94 -9.29
C PRO A 259 23.57 -6.78 -9.75
N ILE A 260 22.83 -6.01 -8.96
CA ILE A 260 21.47 -5.69 -9.22
C ILE A 260 21.50 -4.29 -9.83
N LYS A 261 20.97 -4.15 -11.05
CA LYS A 261 20.96 -2.87 -11.74
C LYS A 261 19.59 -2.21 -11.71
N VAL A 262 19.57 -0.94 -11.37
CA VAL A 262 18.33 -0.20 -11.30
C VAL A 262 18.39 0.96 -12.26
N MET A 263 17.31 1.16 -13.01
CA MET A 263 17.25 2.30 -13.90
C MET A 263 16.04 3.16 -13.55
N VAL A 264 16.27 4.45 -13.46
CA VAL A 264 15.21 5.38 -13.15
C VAL A 264 15.04 6.28 -14.36
N ALA A 265 13.93 6.12 -15.06
CA ALA A 265 13.64 6.91 -16.28
C ALA A 265 12.44 7.84 -16.06
N LEU A 266 12.57 9.07 -16.54
CA LEU A 266 11.53 10.07 -16.40
C LEU A 266 11.06 10.54 -17.78
N GLY A 267 9.81 10.23 -18.11
CA GLY A 267 9.25 10.60 -19.40
C GLY A 267 8.27 11.73 -19.23
N GLU A 268 7.40 11.95 -20.21
CA GLU A 268 6.41 13.02 -20.14
C GLU A 268 5.24 12.79 -19.19
N GLU A 269 4.97 11.53 -18.85
CA GLU A 269 3.89 11.25 -17.91
C GLU A 269 4.22 10.10 -16.96
N ASP A 270 5.21 9.30 -17.33
CA ASP A 270 5.62 8.18 -16.49
C ASP A 270 6.97 8.43 -15.88
N LEU A 271 7.15 7.88 -14.69
CA LEU A 271 8.43 7.90 -13.99
C LEU A 271 8.55 6.41 -13.73
N SER A 272 9.49 5.78 -14.42
CA SER A 272 9.67 4.34 -14.29
C SER A 272 10.95 3.92 -13.60
N ILE A 273 10.82 2.90 -12.77
CA ILE A 273 11.94 2.35 -12.03
C ILE A 273 12.03 0.86 -12.32
N LYS A 274 13.12 0.46 -12.98
CA LYS A 274 13.33 -0.94 -13.31
C LYS A 274 14.47 -1.54 -12.50
N MET A 275 14.21 -2.69 -11.89
CA MET A 275 15.22 -3.40 -11.12
C MET A 275 15.52 -4.72 -11.82
N SER A 276 16.73 -4.83 -12.36
CA SER A 276 17.19 -6.00 -13.10
C SER A 276 18.16 -6.89 -12.32
N ASP A 277 17.85 -8.18 -12.23
CA ASP A 277 18.71 -9.15 -11.56
C ASP A 277 19.04 -10.34 -12.45
N ARG A 278 19.98 -11.16 -11.99
CA ARG A 278 20.40 -12.38 -12.71
C ARG A 278 20.30 -13.57 -11.78
N GLY A 279 19.15 -13.67 -11.13
CA GLY A 279 18.92 -14.74 -10.19
C GLY A 279 18.31 -15.99 -10.76
N GLY A 280 18.56 -16.25 -12.05
CA GLY A 280 18.02 -17.45 -12.68
C GLY A 280 16.68 -17.35 -13.37
N GLY A 281 15.87 -16.35 -13.04
CA GLY A 281 14.59 -16.22 -13.67
C GLY A 281 13.56 -17.23 -13.18
N VAL A 282 12.34 -17.07 -13.68
CA VAL A 282 11.19 -17.90 -13.33
C VAL A 282 10.44 -18.26 -14.62
N PRO A 283 9.89 -19.48 -14.70
CA PRO A 283 9.14 -19.89 -15.90
C PRO A 283 7.89 -19.03 -16.02
N LEU A 284 7.58 -18.57 -17.23
CA LEU A 284 6.40 -17.73 -17.41
C LEU A 284 5.16 -18.27 -16.69
N ARG A 285 5.04 -19.59 -16.68
CA ARG A 285 3.91 -20.27 -16.06
C ARG A 285 3.73 -19.99 -14.56
N LYS A 286 4.84 -19.85 -13.84
CA LYS A 286 4.79 -19.61 -12.39
C LYS A 286 4.71 -18.13 -12.02
N ILE A 287 4.98 -17.25 -12.97
CA ILE A 287 4.94 -15.81 -12.70
C ILE A 287 3.56 -15.35 -12.18
N GLU A 288 2.51 -15.82 -12.85
CA GLU A 288 1.14 -15.47 -12.48
C GLU A 288 0.87 -15.74 -11.00
N ARG A 289 1.38 -16.86 -10.51
CA ARG A 289 1.19 -17.28 -9.13
C ARG A 289 1.92 -16.48 -8.07
N LEU A 290 2.97 -15.76 -8.47
CA LEU A 290 3.75 -14.96 -7.54
C LEU A 290 2.96 -13.80 -6.94
N PHE A 291 1.90 -13.36 -7.60
CA PHE A 291 1.10 -12.25 -7.09
C PHE A 291 -0.15 -12.73 -6.36
N SER A 292 -0.31 -14.05 -6.27
CA SER A 292 -1.47 -14.66 -5.62
C SER A 292 -1.39 -14.71 -4.09
N TYR A 293 -2.47 -14.36 -3.41
CA TYR A 293 -2.50 -14.39 -1.96
C TYR A 293 -2.59 -15.84 -1.49
N MET A 294 -3.48 -16.59 -2.12
CA MET A 294 -3.69 -17.98 -1.77
C MET A 294 -2.50 -18.88 -2.05
N TYR A 295 -2.00 -18.80 -3.28
CA TYR A 295 -0.87 -19.62 -3.70
C TYR A 295 0.44 -19.26 -3.00
N SER A 296 0.57 -18.01 -2.55
CA SER A 296 1.79 -17.57 -1.88
C SER A 296 1.68 -17.65 -0.36
N THR A 297 0.70 -18.39 0.13
CA THR A 297 0.51 -18.53 1.58
C THR A 297 0.85 -19.95 2.06
N PRO A 309 15.16 -15.34 7.80
CA PRO A 309 15.56 -15.31 6.39
C PRO A 309 15.25 -13.92 5.81
N LEU A 310 14.81 -13.91 4.55
CA LEU A 310 14.42 -12.66 3.89
C LEU A 310 12.95 -12.81 3.55
N ALA A 311 12.62 -13.95 2.94
CA ALA A 311 11.25 -14.27 2.54
C ALA A 311 10.53 -15.23 3.46
N GLY A 312 9.21 -15.11 3.49
CA GLY A 312 8.37 -15.97 4.31
C GLY A 312 7.02 -16.12 3.63
N PHE A 313 6.05 -15.33 4.07
CA PHE A 313 4.70 -15.34 3.50
C PHE A 313 4.74 -14.78 2.08
N GLY A 314 3.58 -14.73 1.43
CA GLY A 314 3.56 -14.22 0.07
C GLY A 314 2.76 -12.95 -0.10
N TYR A 315 3.10 -11.91 0.65
CA TYR A 315 2.37 -10.65 0.55
C TYR A 315 3.27 -9.50 0.07
N GLY A 316 4.56 -9.79 -0.05
CA GLY A 316 5.50 -8.78 -0.50
C GLY A 316 5.13 -8.22 -1.87
N LEU A 317 4.95 -9.10 -2.85
CA LEU A 317 4.60 -8.67 -4.21
C LEU A 317 3.18 -8.09 -4.37
N PRO A 318 2.15 -8.87 -4.05
CA PRO A 318 0.78 -8.36 -4.20
C PRO A 318 0.47 -7.04 -3.47
N ILE A 319 1.00 -6.85 -2.27
CA ILE A 319 0.75 -5.62 -1.56
C ILE A 319 1.58 -4.47 -2.10
N SER A 320 2.78 -4.76 -2.60
CA SER A 320 3.59 -3.70 -3.17
C SER A 320 2.88 -3.18 -4.43
N ARG A 321 2.25 -4.09 -5.18
CA ARG A 321 1.55 -3.69 -6.38
C ARG A 321 0.41 -2.74 -5.99
N LEU A 322 -0.34 -3.10 -4.95
CA LEU A 322 -1.42 -2.24 -4.51
C LEU A 322 -0.88 -0.82 -4.20
N TYR A 323 0.27 -0.70 -3.54
CA TYR A 323 0.82 0.62 -3.28
C TYR A 323 1.05 1.43 -4.58
N ALA A 324 1.58 0.76 -5.60
CA ALA A 324 1.84 1.39 -6.88
C ALA A 324 0.52 1.83 -7.52
N LYS A 325 -0.47 0.94 -7.48
CA LYS A 325 -1.78 1.24 -8.07
C LYS A 325 -2.53 2.36 -7.36
N TYR A 326 -2.25 2.50 -6.07
CA TYR A 326 -2.92 3.51 -5.23
C TYR A 326 -2.96 4.92 -5.84
N PHE A 327 -1.87 5.34 -6.48
CA PHE A 327 -1.81 6.65 -7.12
C PHE A 327 -1.74 6.55 -8.65
N GLN A 328 -2.49 5.60 -9.20
CA GLN A 328 -2.58 5.39 -10.64
C GLN A 328 -1.36 4.72 -11.29
N GLY A 329 -0.48 4.09 -10.51
CA GLY A 329 0.68 3.43 -11.09
C GLY A 329 0.50 1.93 -11.20
N ASP A 330 1.59 1.19 -11.34
CA ASP A 330 1.52 -0.28 -11.46
C ASP A 330 2.88 -0.94 -11.11
N LEU A 331 2.90 -2.27 -11.00
CA LEU A 331 4.13 -2.98 -10.69
C LEU A 331 4.07 -4.29 -11.47
N GLN A 332 5.04 -4.51 -12.36
CA GLN A 332 5.02 -5.72 -13.17
C GLN A 332 6.31 -6.47 -13.13
N LEU A 333 6.20 -7.76 -13.44
CA LEU A 333 7.32 -8.66 -13.46
C LEU A 333 7.41 -9.42 -14.78
N PHE A 334 8.60 -9.46 -15.38
CA PHE A 334 8.85 -10.23 -16.60
C PHE A 334 10.22 -10.84 -16.41
N SER A 335 10.28 -12.16 -16.56
CA SER A 335 11.49 -12.91 -16.32
C SER A 335 11.97 -13.68 -17.57
N MET A 336 13.20 -14.20 -17.51
CA MET A 336 13.85 -14.99 -18.56
C MET A 336 14.37 -16.24 -17.87
N GLU A 337 13.60 -17.31 -17.86
CA GLU A 337 14.07 -18.50 -17.18
C GLU A 337 15.45 -18.87 -17.67
N GLY A 338 16.35 -19.11 -16.72
CA GLY A 338 17.71 -19.46 -17.04
C GLY A 338 18.66 -18.28 -17.05
N PHE A 339 18.14 -17.10 -16.71
CA PHE A 339 18.96 -15.91 -16.72
C PHE A 339 18.67 -14.91 -15.60
N GLY A 340 17.48 -14.32 -15.61
CA GLY A 340 17.12 -13.34 -14.61
C GLY A 340 15.73 -12.74 -14.73
N THR A 341 15.47 -11.72 -13.93
CA THR A 341 14.17 -11.09 -13.89
C THR A 341 14.19 -9.55 -13.85
N ASP A 342 13.19 -8.95 -14.49
CA ASP A 342 13.01 -7.49 -14.48
C ASP A 342 11.72 -7.17 -13.72
N ALA A 343 11.84 -6.27 -12.75
CA ALA A 343 10.68 -5.87 -11.97
C ALA A 343 10.58 -4.36 -12.16
N VAL A 344 9.42 -3.93 -12.65
CA VAL A 344 9.20 -2.51 -12.91
C VAL A 344 8.09 -1.84 -12.14
N ILE A 345 8.43 -0.70 -11.54
CA ILE A 345 7.48 0.11 -10.81
C ILE A 345 7.11 1.29 -11.71
N TYR A 346 5.83 1.39 -12.06
CA TYR A 346 5.34 2.49 -12.89
C TYR A 346 4.61 3.52 -12.02
N LEU A 347 5.11 4.76 -12.05
CA LEU A 347 4.50 5.85 -11.29
C LEU A 347 4.12 6.95 -12.25
N LYS A 348 3.24 7.82 -11.80
CA LYS A 348 2.83 8.92 -12.64
C LYS A 348 3.73 10.12 -12.33
N ALA A 349 4.37 10.63 -13.37
CA ALA A 349 5.31 11.75 -13.24
C ALA A 349 4.74 13.06 -12.69
N LEU A 350 3.56 13.45 -13.19
CA LEU A 350 2.92 14.70 -12.78
C LEU A 350 1.98 14.58 -11.59
N SER A 351 2.13 15.49 -10.63
CA SER A 351 1.30 15.51 -9.44
C SER A 351 -0.17 15.62 -9.81
N THR A 352 -0.44 16.12 -11.01
CA THR A 352 -1.81 16.28 -11.50
C THR A 352 -2.45 14.92 -11.79
N ASP A 353 -1.68 13.98 -12.33
CA ASP A 353 -2.20 12.65 -12.65
C ASP A 353 -2.19 11.74 -11.43
N SER A 354 -1.64 12.23 -10.33
CA SER A 354 -1.55 11.46 -9.09
C SER A 354 -2.83 11.62 -8.28
N VAL A 355 -3.79 10.71 -8.52
CA VAL A 355 -5.05 10.73 -7.80
C VAL A 355 -5.33 9.35 -7.20
N GLU A 356 -5.87 9.34 -5.99
CA GLU A 356 -6.20 8.10 -5.29
C GLU A 356 -7.08 7.17 -6.14
N ARG A 357 -6.74 5.88 -6.13
CA ARG A 357 -7.51 4.87 -6.83
C ARG A 357 -8.24 4.13 -5.69
N LEU A 358 -9.56 4.24 -5.63
CA LEU A 358 -10.35 3.63 -4.57
C LEU A 358 -11.42 2.67 -5.05
N PRO A 359 -11.49 1.46 -4.45
CA PRO A 359 -12.52 0.48 -4.84
C PRO A 359 -13.87 0.93 -4.27
N VAL A 360 -14.94 0.76 -5.03
CA VAL A 360 -16.27 1.18 -4.57
C VAL A 360 -17.31 0.06 -4.64
N TYR A 361 -18.25 0.07 -3.70
CA TYR A 361 -19.32 -0.92 -3.65
C TYR A 361 -20.50 -0.50 -4.54
N ASN A 362 -20.77 -1.31 -5.57
CA ASN A 362 -21.86 -1.04 -6.49
C ASN A 362 -22.47 -2.35 -6.93
N LYS A 363 -23.42 -2.28 -7.87
CA LYS A 363 -24.04 -3.48 -8.42
C LYS A 363 -22.96 -4.13 -9.28
N SER A 364 -21.99 -3.32 -9.69
CA SER A 364 -20.87 -3.76 -10.51
C SER A 364 -19.91 -4.65 -9.72
N ALA A 365 -19.59 -4.22 -8.50
CA ALA A 365 -18.69 -4.97 -7.63
C ALA A 365 -19.38 -6.20 -7.06
N TRP A 366 -20.70 -6.22 -7.13
CA TRP A 366 -21.49 -7.34 -6.62
C TRP A 366 -21.35 -8.60 -7.46
N ARG A 367 -21.54 -8.47 -8.77
CA ARG A 367 -21.47 -9.62 -9.68
C ARG A 367 -20.09 -10.19 -9.98
N HIS A 368 -19.06 -9.69 -9.31
CA HIS A 368 -17.71 -10.21 -9.51
C HIS A 368 -17.49 -11.38 -8.54
N TYR A 369 -18.48 -11.60 -7.68
CA TYR A 369 -18.44 -12.67 -6.69
C TYR A 369 -19.39 -13.80 -7.08
N GLN A 370 -20.05 -13.63 -8.23
CA GLN A 370 -21.00 -14.63 -8.72
C GLN A 370 -20.28 -15.65 -9.62
N THR A 371 -20.96 -16.57 -10.11
PB ADP B . 8.46 -14.00 -0.38
O1B ADP B . 8.42 -15.49 -0.51
O2B ADP B . 9.68 -13.41 -0.97
O3B ADP B . 8.41 -13.63 1.20
PA ADP B . 6.78 -12.39 -2.31
O1A ADP B . 7.78 -11.34 -2.40
O2A ADP B . 5.34 -12.04 -2.34
O3A ADP B . 7.15 -13.35 -1.04
O5' ADP B . 6.81 -13.27 -3.64
C5' ADP B . 7.95 -14.08 -3.79
C4' ADP B . 8.07 -15.24 -4.67
O4' ADP B . 8.34 -15.01 -6.09
C3' ADP B . 9.35 -15.85 -4.08
O3' ADP B . 8.98 -16.80 -3.05
C2' ADP B . 10.18 -16.37 -5.24
O2' ADP B . 9.94 -17.76 -5.38
C1' ADP B . 9.62 -15.54 -6.44
N9 ADP B . 10.38 -14.33 -6.91
C8 ADP B . 10.19 -12.98 -6.68
N7 ADP B . 11.03 -12.17 -7.22
C5 ADP B . 11.90 -13.02 -7.86
C6 ADP B . 13.09 -12.83 -8.66
N6 ADP B . 13.58 -11.61 -8.90
N1 ADP B . 13.76 -13.94 -9.20
C2 ADP B . 13.27 -15.21 -8.98
N3 ADP B . 12.16 -15.48 -8.23
C4 ADP B . 11.52 -14.37 -7.70
MG MG C . 9.81 -10.78 -0.56
C1 TF4 D . -7.90 1.33 9.99
C TF4 D . -7.71 0.50 8.68
O TF4 D . -6.72 -0.11 8.43
CL1 TF4 D . -9.51 2.04 10.21
CL2 TF4 D . -6.66 2.58 10.16
O2 TF4 D . -8.73 0.48 7.84
#